data_3VVN
#
_entry.id   3VVN
#
_cell.length_a   155.889
_cell.length_b   60.100
_cell.length_c   68.127
_cell.angle_alpha   90.000
_cell.angle_beta   90.270
_cell.angle_gamma   90.000
#
_symmetry.space_group_name_H-M   'C 1 2 1'
#
loop_
_entity.id
_entity.type
_entity.pdbx_description
1 polymer 'Putative uncharacterized protein'
2 non-polymer '(2R)-2,3-dihydroxypropyl (9Z)-octadec-9-enoate'
3 water water
#
_entity_poly.entity_id   1
_entity_poly.type   'polypeptide(L)'
_entity_poly.pdbx_seq_one_letter_code
;MSEKTTKGVQLLRGDPKKAIVRLSIPMMIGMSVQTLYNLADGIWVSGLGPESLAAVGLFFPVFMGIIALAAGLGVGTSSA
IARRIGARDKEGADNVAVHSLILSLILGVTITITMLPAIDSLFRSMGAKGEAVELAIEYARVLLAGAFIIVFNNVGNGIL
RGEGDANRAMLAMVLGSGLNIVLDPIFIYTLGFGVVGAAYATLLSMVVTSLFIAYWLFVKRDTYVDITLRDFSPSREILK
DILRVGLPSSLSQLSMSIAMFFLNSVAITAGGENGVAVFTSAWRITMLGIVPILGMAAATTSVTGAAYGERNVEKLETAY
LYAIKIAFMIELAVVAFIMLFAPQVAYLFTYSESAQVIKGDLISALRTLPVFLVLTPFGMMTSAMFQGIGEGEKSLILTI
FRTLVMQVGFAYIFVHYTTLGLRGVWIGIVIGNMVAAIVGFLWGRMRISALKKTSATGGKR
;
_entity_poly.pdbx_strand_id   A
#
loop_
_chem_comp.id
_chem_comp.type
_chem_comp.name
_chem_comp.formula
OLC non-polymer '(2R)-2,3-dihydroxypropyl (9Z)-octadec-9-enoate' 'C21 H40 O4'
#
# COMPACT_ATOMS: atom_id res chain seq x y z
N LYS A 4 1.26 -4.60 -29.35
CA LYS A 4 0.27 -5.50 -29.93
C LYS A 4 0.91 -6.75 -30.51
N THR A 5 1.06 -7.79 -29.69
CA THR A 5 0.72 -7.74 -28.28
C THR A 5 1.93 -8.06 -27.42
N THR A 6 1.88 -7.65 -26.17
CA THR A 6 2.93 -7.97 -25.21
C THR A 6 2.59 -9.25 -24.45
N LYS A 7 3.53 -9.75 -23.67
CA LYS A 7 3.25 -10.94 -22.85
C LYS A 7 2.25 -10.59 -21.75
N GLY A 8 2.35 -9.37 -21.23
CA GLY A 8 1.47 -8.93 -20.17
C GLY A 8 0.02 -8.84 -20.59
N VAL A 9 -0.20 -8.43 -21.84
CA VAL A 9 -1.55 -8.32 -22.39
C VAL A 9 -2.14 -9.69 -22.68
N GLN A 10 -1.33 -10.58 -23.24
CA GLN A 10 -1.73 -11.96 -23.49
C GLN A 10 -2.05 -12.66 -22.18
N LEU A 11 -1.35 -12.27 -21.12
CA LEU A 11 -1.59 -12.78 -19.79
C LEU A 11 -2.95 -12.29 -19.27
N LEU A 12 -3.21 -11.00 -19.45
CA LEU A 12 -4.47 -10.40 -19.03
C LEU A 12 -5.67 -10.99 -19.77
N ARG A 13 -5.49 -11.28 -21.05
CA ARG A 13 -6.58 -11.78 -21.88
C ARG A 13 -6.66 -13.31 -21.90
N GLY A 14 -5.87 -13.95 -21.05
CA GLY A 14 -5.83 -15.40 -21.00
C GLY A 14 -6.59 -15.95 -19.80
N ASP A 15 -6.20 -17.15 -19.38
CA ASP A 15 -6.78 -17.77 -18.18
C ASP A 15 -6.57 -16.88 -16.96
N PRO A 16 -7.66 -16.62 -16.22
CA PRO A 16 -7.62 -15.74 -15.04
C PRO A 16 -6.74 -16.28 -13.92
N LYS A 17 -6.69 -17.59 -13.75
CA LYS A 17 -5.88 -18.19 -12.69
C LYS A 17 -4.39 -17.99 -12.93
N LYS A 18 -3.95 -18.24 -14.16
CA LYS A 18 -2.56 -18.05 -14.53
C LYS A 18 -2.18 -16.57 -14.46
N ALA A 19 -3.12 -15.71 -14.78
CA ALA A 19 -2.90 -14.27 -14.70
C ALA A 19 -2.68 -13.83 -13.25
N ILE A 20 -3.56 -14.28 -12.36
CA ILE A 20 -3.47 -13.94 -10.94
C ILE A 20 -2.14 -14.39 -10.33
N VAL A 21 -1.66 -15.56 -10.74
CA VAL A 21 -0.41 -16.10 -10.21
C VAL A 21 0.81 -15.35 -10.76
N ARG A 22 0.82 -15.12 -12.07
CA ARG A 22 2.00 -14.54 -12.71
C ARG A 22 2.11 -13.02 -12.52
N LEU A 23 1.04 -12.39 -12.05
CA LEU A 23 1.12 -10.96 -11.75
C LEU A 23 1.38 -10.70 -10.27
N SER A 24 0.73 -11.47 -9.40
CA SER A 24 0.86 -11.25 -7.95
C SER A 24 2.25 -11.60 -7.43
N ILE A 25 2.86 -12.64 -7.96
CA ILE A 25 4.18 -13.07 -7.50
C ILE A 25 5.29 -12.01 -7.67
N PRO A 26 5.44 -11.44 -8.88
CA PRO A 26 6.39 -10.32 -9.00
C PRO A 26 6.06 -9.17 -8.05
N MET A 27 4.76 -8.91 -7.83
CA MET A 27 4.36 -7.84 -6.92
C MET A 27 4.76 -8.16 -5.47
N MET A 28 4.53 -9.39 -5.04
CA MET A 28 4.91 -9.82 -3.71
C MET A 28 6.41 -9.67 -3.49
N ILE A 29 7.16 -10.03 -4.51
CA ILE A 29 8.62 -9.91 -4.47
C ILE A 29 9.04 -8.45 -4.35
N GLY A 30 8.48 -7.60 -5.21
CA GLY A 30 8.78 -6.18 -5.19
C GLY A 30 8.41 -5.54 -3.88
N MET A 31 7.24 -5.90 -3.35
CA MET A 31 6.80 -5.33 -2.07
C MET A 31 7.64 -5.86 -0.90
N SER A 32 8.13 -7.09 -1.03
CA SER A 32 8.97 -7.68 -0.01
C SER A 32 10.30 -6.94 0.13
N VAL A 33 10.84 -6.49 -0.99
CA VAL A 33 12.09 -5.73 -0.98
C VAL A 33 11.88 -4.36 -0.34
N GLN A 34 10.73 -3.75 -0.62
CA GLN A 34 10.39 -2.46 -0.02
C GLN A 34 10.27 -2.58 1.50
N THR A 35 9.68 -3.68 1.95
CA THR A 35 9.57 -3.94 3.39
C THR A 35 10.96 -4.14 3.99
N LEU A 36 11.82 -4.84 3.26
CA LEU A 36 13.20 -5.06 3.69
C LEU A 36 13.96 -3.74 3.83
N TYR A 37 13.79 -2.82 2.88
CA TYR A 37 14.41 -1.51 3.00
C TYR A 37 13.97 -0.83 4.28
N ASN A 38 12.66 -0.87 4.53
CA ASN A 38 12.06 -0.23 5.70
C ASN A 38 12.61 -0.77 7.01
N LEU A 39 12.77 -2.08 7.10
CA LEU A 39 13.31 -2.69 8.32
C LEU A 39 14.78 -2.33 8.50
N ALA A 40 15.54 -2.38 7.42
CA ALA A 40 16.96 -2.03 7.46
C ALA A 40 17.16 -0.58 7.87
N ASP A 41 16.32 0.31 7.35
CA ASP A 41 16.42 1.74 7.65
C ASP A 41 16.10 2.03 9.11
N GLY A 42 15.18 1.26 9.68
CA GLY A 42 14.80 1.42 11.07
C GLY A 42 15.95 1.12 11.99
N ILE A 43 16.80 0.17 11.57
CA ILE A 43 17.98 -0.20 12.33
C ILE A 43 19.06 0.89 12.27
N TRP A 44 19.29 1.43 11.08
CA TRP A 44 20.27 2.52 10.93
C TRP A 44 19.89 3.73 11.77
N VAL A 45 18.61 4.08 11.72
CA VAL A 45 18.10 5.28 12.38
C VAL A 45 18.02 5.15 13.90
N SER A 46 17.70 3.94 14.37
CA SER A 46 17.63 3.70 15.81
C SER A 46 18.97 3.92 16.49
N GLY A 47 20.05 3.67 15.74
CA GLY A 47 21.40 3.81 16.26
C GLY A 47 21.88 5.25 16.26
N LEU A 48 21.00 6.18 15.88
CA LEU A 48 21.35 7.60 15.83
C LEU A 48 20.88 8.39 17.06
N GLY A 49 20.18 7.72 17.95
CA GLY A 49 19.74 8.36 19.18
C GLY A 49 18.31 8.90 19.17
N PRO A 50 17.83 9.35 20.34
CA PRO A 50 16.43 9.67 20.64
C PRO A 50 15.88 10.89 19.90
N GLU A 51 16.73 11.88 19.64
CA GLU A 51 16.26 13.10 18.99
C GLU A 51 16.11 12.91 17.48
N SER A 52 17.07 12.21 16.87
CA SER A 52 17.06 12.00 15.43
C SER A 52 16.05 10.93 15.03
N LEU A 53 15.74 10.02 15.95
CA LEU A 53 14.75 8.98 15.70
C LEU A 53 13.35 9.58 15.67
N ALA A 54 13.15 10.63 16.47
CA ALA A 54 11.85 11.28 16.57
C ALA A 54 11.72 12.46 15.61
N ALA A 55 12.67 12.59 14.68
CA ALA A 55 12.51 13.54 13.60
C ALA A 55 11.75 12.85 12.50
N VAL A 56 12.02 11.55 12.37
CA VAL A 56 11.38 10.71 11.36
C VAL A 56 9.97 10.31 11.78
N GLY A 57 9.66 10.46 13.06
CA GLY A 57 8.31 10.22 13.54
C GLY A 57 7.43 11.42 13.25
N LEU A 58 8.09 12.58 13.12
CA LEU A 58 7.42 13.84 12.88
C LEU A 58 7.02 14.02 11.42
N PHE A 59 7.83 13.49 10.50
CA PHE A 59 7.56 13.65 9.08
C PHE A 59 6.78 12.48 8.49
N PHE A 60 6.75 11.38 9.23
CA PHE A 60 6.10 10.15 8.76
C PHE A 60 4.64 10.32 8.30
N PRO A 61 3.81 11.07 9.05
CA PRO A 61 2.43 11.28 8.56
C PRO A 61 2.36 12.01 7.23
N VAL A 62 3.22 13.01 7.03
CA VAL A 62 3.27 13.74 5.77
C VAL A 62 3.77 12.85 4.65
N PHE A 63 4.84 12.09 4.94
CA PHE A 63 5.42 11.17 3.97
C PHE A 63 4.40 10.12 3.54
N MET A 64 3.67 9.58 4.50
CA MET A 64 2.62 8.60 4.20
C MET A 64 1.46 9.24 3.45
N GLY A 65 1.28 10.55 3.65
CA GLY A 65 0.28 11.29 2.90
C GLY A 65 0.63 11.34 1.43
N ILE A 66 1.89 11.65 1.14
CA ILE A 66 2.40 11.67 -0.22
C ILE A 66 2.26 10.30 -0.88
N ILE A 67 2.64 9.25 -0.16
CA ILE A 67 2.51 7.88 -0.66
C ILE A 67 1.05 7.52 -0.94
N ALA A 68 0.16 7.90 -0.02
CA ALA A 68 -1.27 7.66 -0.18
C ALA A 68 -1.78 8.23 -1.50
N LEU A 69 -1.42 9.48 -1.78
CA LEU A 69 -1.84 10.17 -2.99
C LEU A 69 -1.22 9.57 -4.24
N ALA A 70 0.09 9.36 -4.18
CA ALA A 70 0.83 8.81 -5.32
C ALA A 70 0.34 7.41 -5.69
N ALA A 71 0.17 6.57 -4.68
CA ALA A 71 -0.26 5.19 -4.89
C ALA A 71 -1.73 5.13 -5.34
N GLY A 72 -2.53 6.07 -4.85
CA GLY A 72 -3.92 6.16 -5.25
C GLY A 72 -4.04 6.46 -6.74
N LEU A 73 -3.28 7.43 -7.21
CA LEU A 73 -3.24 7.74 -8.65
C LEU A 73 -2.70 6.54 -9.41
N GLY A 74 -1.78 5.81 -8.80
CA GLY A 74 -1.22 4.60 -9.39
C GLY A 74 -2.26 3.54 -9.66
N VAL A 75 -3.08 3.23 -8.66
CA VAL A 75 -4.06 2.16 -8.78
C VAL A 75 -5.24 2.57 -9.68
N GLY A 76 -5.59 3.85 -9.67
CA GLY A 76 -6.62 4.36 -10.56
C GLY A 76 -6.18 4.24 -12.01
N THR A 77 -4.90 4.54 -12.25
CA THR A 77 -4.28 4.38 -13.55
C THR A 77 -4.29 2.92 -14.00
N SER A 78 -3.87 2.04 -13.10
CA SER A 78 -3.79 0.61 -13.40
C SER A 78 -5.16 0.04 -13.75
N SER A 79 -6.16 0.41 -12.96
CA SER A 79 -7.52 -0.09 -13.15
C SER A 79 -8.13 0.40 -14.47
N ALA A 80 -7.95 1.68 -14.75
CA ALA A 80 -8.49 2.28 -15.97
C ALA A 80 -7.86 1.67 -17.22
N ILE A 81 -6.56 1.46 -17.18
CA ILE A 81 -5.85 0.87 -18.31
C ILE A 81 -6.23 -0.60 -18.54
N ALA A 82 -6.25 -1.39 -17.46
CA ALA A 82 -6.64 -2.80 -17.58
C ALA A 82 -8.03 -2.97 -18.19
N ARG A 83 -8.97 -2.11 -17.82
CA ARG A 83 -10.32 -2.17 -18.38
C ARG A 83 -10.34 -1.82 -19.87
N ARG A 84 -9.55 -0.82 -20.27
CA ARG A 84 -9.46 -0.43 -21.66
C ARG A 84 -8.88 -1.54 -22.52
N ILE A 85 -7.85 -2.19 -22.01
CA ILE A 85 -7.20 -3.29 -22.72
C ILE A 85 -8.11 -4.50 -22.83
N GLY A 86 -8.89 -4.76 -21.79
CA GLY A 86 -9.88 -5.82 -21.82
C GLY A 86 -10.92 -5.57 -22.89
N ALA A 87 -11.30 -4.32 -23.04
CA ALA A 87 -12.32 -3.91 -24.01
C ALA A 87 -11.72 -3.76 -25.40
N ARG A 88 -10.40 -3.99 -25.51
CA ARG A 88 -9.68 -3.80 -26.76
C ARG A 88 -9.78 -2.36 -27.27
N ASP A 89 -9.86 -1.43 -26.32
CA ASP A 89 -9.85 0.00 -26.62
C ASP A 89 -8.43 0.51 -26.51
N LYS A 90 -7.66 0.31 -27.58
CA LYS A 90 -6.25 0.69 -27.61
C LYS A 90 -6.05 2.20 -27.51
N GLU A 91 -6.84 2.94 -28.27
CA GLU A 91 -6.82 4.40 -28.19
C GLU A 91 -7.14 4.87 -26.79
N GLY A 92 -8.10 4.20 -26.15
CA GLY A 92 -8.49 4.51 -24.80
C GLY A 92 -7.37 4.25 -23.80
N ALA A 93 -6.75 3.08 -23.89
CA ALA A 93 -5.66 2.70 -23.00
C ALA A 93 -4.47 3.65 -23.14
N ASP A 94 -4.11 3.96 -24.38
CA ASP A 94 -3.05 4.94 -24.64
C ASP A 94 -3.37 6.27 -23.99
N ASN A 95 -4.60 6.75 -24.20
CA ASN A 95 -5.02 8.05 -23.69
C ASN A 95 -5.04 8.11 -22.16
N VAL A 96 -5.45 7.02 -21.51
CA VAL A 96 -5.43 6.95 -20.06
C VAL A 96 -4.00 7.05 -19.52
N ALA A 97 -3.08 6.39 -20.24
CA ALA A 97 -1.67 6.40 -19.86
C ALA A 97 -1.08 7.81 -19.86
N VAL A 98 -1.31 8.55 -20.94
CA VAL A 98 -0.80 9.91 -21.04
C VAL A 98 -1.52 10.87 -20.09
N HIS A 99 -2.84 10.68 -19.91
CA HIS A 99 -3.59 11.42 -18.90
C HIS A 99 -2.95 11.24 -17.52
N SER A 100 -2.61 10.00 -17.20
CA SER A 100 -2.04 9.66 -15.89
C SER A 100 -0.70 10.33 -15.63
N LEU A 101 0.13 10.39 -16.66
CA LEU A 101 1.45 10.99 -16.53
C LEU A 101 1.36 12.49 -16.29
N ILE A 102 0.46 13.15 -17.02
CA ILE A 102 0.21 14.57 -16.83
C ILE A 102 -0.33 14.84 -15.44
N LEU A 103 -1.26 13.99 -14.99
CA LEU A 103 -1.79 14.07 -13.63
C LEU A 103 -0.69 13.86 -12.59
N SER A 104 0.31 13.04 -12.93
CA SER A 104 1.42 12.81 -12.01
C SER A 104 2.23 14.08 -11.82
N LEU A 105 2.41 14.84 -12.91
CA LEU A 105 3.10 16.12 -12.85
C LEU A 105 2.31 17.13 -12.05
N ILE A 106 1.01 17.19 -12.32
CA ILE A 106 0.11 18.11 -11.63
C ILE A 106 0.07 17.85 -10.13
N LEU A 107 -0.19 16.59 -9.76
CA LEU A 107 -0.27 16.23 -8.34
C LEU A 107 1.06 16.37 -7.62
N GLY A 108 2.12 15.79 -8.19
CA GLY A 108 3.43 15.79 -7.55
C GLY A 108 3.98 17.17 -7.26
N VAL A 109 3.93 18.05 -8.25
CA VAL A 109 4.42 19.42 -8.10
C VAL A 109 3.53 20.25 -7.17
N THR A 110 2.22 20.03 -7.24
CA THR A 110 1.28 20.69 -6.35
C THR A 110 1.60 20.38 -4.89
N ILE A 111 1.85 19.10 -4.61
CA ILE A 111 2.25 18.66 -3.27
C ILE A 111 3.47 19.42 -2.77
N THR A 112 4.46 19.58 -3.64
CA THR A 112 5.70 20.27 -3.28
C THR A 112 5.46 21.75 -2.95
N ILE A 113 4.72 22.45 -3.81
CA ILE A 113 4.52 23.88 -3.64
C ILE A 113 3.53 24.24 -2.54
N THR A 114 2.69 23.30 -2.15
CA THR A 114 1.77 23.52 -1.03
C THR A 114 2.43 23.27 0.33
N MET A 115 3.21 22.19 0.42
CA MET A 115 3.78 21.79 1.71
C MET A 115 5.05 22.57 2.08
N LEU A 116 5.83 22.99 1.07
CA LEU A 116 7.08 23.70 1.33
C LEU A 116 6.94 24.96 2.21
N PRO A 117 5.97 25.85 1.91
CA PRO A 117 5.83 27.01 2.80
C PRO A 117 5.03 26.70 4.06
N ALA A 118 4.44 25.51 4.12
CA ALA A 118 3.61 25.12 5.25
C ALA A 118 4.39 24.31 6.30
N ILE A 119 5.47 23.66 5.87
CA ILE A 119 6.13 22.64 6.66
C ILE A 119 6.77 23.15 7.98
N ASP A 120 7.17 24.42 8.01
CA ASP A 120 7.78 24.98 9.21
C ASP A 120 6.74 25.16 10.32
N SER A 121 5.58 25.72 9.96
CA SER A 121 4.52 25.99 10.92
C SER A 121 3.79 24.73 11.37
N LEU A 122 3.89 23.67 10.57
CA LEU A 122 3.18 22.41 10.88
C LEU A 122 3.87 21.66 12.01
N PHE A 123 5.19 21.64 11.99
CA PHE A 123 5.97 20.94 13.01
C PHE A 123 5.95 21.71 14.33
N ARG A 124 5.98 23.04 14.24
CA ARG A 124 5.86 23.89 15.41
C ARG A 124 4.54 23.67 16.13
N SER A 125 3.45 23.86 15.39
CA SER A 125 2.10 23.77 15.93
C SER A 125 1.71 22.34 16.28
N MET A 126 2.48 21.36 15.81
CA MET A 126 2.31 20.00 16.31
C MET A 126 2.55 20.01 17.83
N GLY A 127 3.58 20.75 18.24
CA GLY A 127 3.85 21.00 19.64
C GLY A 127 5.21 20.48 20.08
N ALA A 128 6.27 20.88 19.39
CA ALA A 128 7.62 20.46 19.76
C ALA A 128 8.70 21.49 19.43
N GLU A 131 15.86 21.27 17.37
CA GLU A 131 15.89 20.01 18.12
C GLU A 131 15.64 18.81 17.20
N ALA A 132 14.60 18.03 17.52
CA ALA A 132 14.15 16.97 16.62
C ALA A 132 13.38 17.60 15.47
N VAL A 133 12.86 18.79 15.73
CA VAL A 133 12.10 19.56 14.74
C VAL A 133 12.96 19.95 13.54
N GLU A 134 14.10 20.59 13.81
CA GLU A 134 14.95 21.11 12.75
C GLU A 134 15.44 20.02 11.79
N LEU A 135 15.55 18.80 12.29
CA LEU A 135 15.94 17.68 11.45
C LEU A 135 14.76 17.20 10.62
N ALA A 136 13.58 17.14 11.26
CA ALA A 136 12.36 16.75 10.56
C ALA A 136 12.03 17.73 9.44
N ILE A 137 12.33 19.00 9.66
CA ILE A 137 12.14 20.01 8.64
C ILE A 137 13.07 19.78 7.46
N GLU A 138 14.34 19.52 7.75
CA GLU A 138 15.32 19.20 6.72
C GLU A 138 14.98 17.88 6.04
N TYR A 139 14.46 16.93 6.82
CA TYR A 139 14.05 15.64 6.28
C TYR A 139 12.88 15.85 5.32
N ALA A 140 11.89 16.61 5.78
CA ALA A 140 10.71 16.94 4.97
C ALA A 140 11.09 17.68 3.70
N ARG A 141 12.02 18.62 3.81
CA ARG A 141 12.44 19.45 2.68
C ARG A 141 12.97 18.59 1.53
N VAL A 142 13.81 17.62 1.86
CA VAL A 142 14.46 16.78 0.86
C VAL A 142 13.47 15.88 0.13
N LEU A 143 12.53 15.32 0.88
CA LEU A 143 11.55 14.41 0.28
C LEU A 143 10.44 15.15 -0.47
N LEU A 144 10.03 16.31 0.03
CA LEU A 144 9.05 17.13 -0.66
C LEU A 144 9.58 17.61 -2.00
N ALA A 145 10.90 17.80 -2.07
CA ALA A 145 11.56 18.14 -3.32
C ALA A 145 11.38 17.05 -4.37
N GLY A 146 11.15 15.83 -3.91
CA GLY A 146 11.02 14.68 -4.79
C GLY A 146 9.62 14.13 -4.92
N ALA A 147 8.64 14.90 -4.46
CA ALA A 147 7.23 14.50 -4.51
C ALA A 147 6.79 14.08 -5.92
N PHE A 148 7.14 14.89 -6.91
CA PHE A 148 6.81 14.54 -8.30
C PHE A 148 7.44 13.22 -8.71
N ILE A 149 8.69 13.00 -8.32
CA ILE A 149 9.37 11.74 -8.59
C ILE A 149 8.59 10.56 -7.99
N ILE A 150 8.16 10.71 -6.75
CA ILE A 150 7.35 9.67 -6.08
C ILE A 150 6.09 9.35 -6.86
N VAL A 151 5.34 10.40 -7.22
CA VAL A 151 4.06 10.22 -7.91
C VAL A 151 4.26 9.63 -9.31
N PHE A 152 5.28 10.12 -10.01
CA PHE A 152 5.60 9.61 -11.33
C PHE A 152 5.95 8.12 -11.28
N ASN A 153 6.78 7.75 -10.31
CA ASN A 153 7.14 6.34 -10.12
C ASN A 153 5.94 5.43 -9.89
N ASN A 154 5.03 5.87 -9.01
CA ASN A 154 3.81 5.10 -8.75
C ASN A 154 2.91 5.01 -9.98
N VAL A 155 2.89 6.07 -10.78
CA VAL A 155 2.09 6.10 -12.01
C VAL A 155 2.66 5.17 -13.07
N GLY A 156 3.98 5.22 -13.24
CA GLY A 156 4.65 4.30 -14.15
C GLY A 156 4.44 2.86 -13.75
N ASN A 157 4.45 2.60 -12.45
CA ASN A 157 4.20 1.27 -11.92
C ASN A 157 2.77 0.84 -12.22
N GLY A 158 1.82 1.76 -12.02
CA GLY A 158 0.43 1.53 -12.35
C GLY A 158 0.23 1.21 -13.82
N ILE A 159 0.88 1.98 -14.69
CA ILE A 159 0.80 1.75 -16.13
C ILE A 159 1.27 0.34 -16.50
N LEU A 160 2.45 -0.03 -15.99
CA LEU A 160 3.00 -1.36 -16.23
C LEU A 160 2.05 -2.46 -15.73
N ARG A 161 1.50 -2.28 -14.54
CA ARG A 161 0.54 -3.23 -13.97
C ARG A 161 -0.75 -3.31 -14.80
N GLY A 162 -1.20 -2.17 -15.31
CA GLY A 162 -2.42 -2.10 -16.08
C GLY A 162 -2.34 -2.90 -17.38
N GLU A 163 -1.16 -2.97 -17.97
CA GLU A 163 -0.97 -3.74 -19.19
C GLU A 163 -0.32 -5.10 -18.92
N GLY A 164 -0.36 -5.53 -17.65
CA GLY A 164 0.03 -6.88 -17.29
C GLY A 164 1.53 -7.09 -17.19
N ASP A 165 2.28 -6.01 -17.12
CA ASP A 165 3.74 -6.09 -17.02
C ASP A 165 4.19 -6.00 -15.56
N ALA A 166 3.91 -7.04 -14.79
CA ALA A 166 4.29 -7.05 -13.38
C ALA A 166 5.79 -7.29 -13.21
N ASN A 167 6.44 -7.75 -14.26
CA ASN A 167 7.87 -8.01 -14.24
C ASN A 167 8.71 -6.73 -14.15
N ARG A 168 8.39 -5.75 -14.99
CA ARG A 168 9.09 -4.47 -14.95
C ARG A 168 8.61 -3.59 -13.81
N ALA A 169 7.36 -3.78 -13.38
CA ALA A 169 6.87 -3.12 -12.19
C ALA A 169 7.67 -3.58 -10.98
N MET A 170 7.83 -4.89 -10.85
CA MET A 170 8.65 -5.48 -9.80
C MET A 170 10.08 -4.96 -9.87
N LEU A 171 10.64 -4.99 -11.07
CA LEU A 171 12.02 -4.56 -11.30
C LEU A 171 12.26 -3.13 -10.80
N ALA A 172 11.32 -2.24 -11.12
CA ALA A 172 11.42 -0.85 -10.68
C ALA A 172 11.38 -0.72 -9.16
N MET A 173 10.51 -1.50 -8.53
CA MET A 173 10.44 -1.53 -7.07
C MET A 173 11.76 -2.04 -6.48
N VAL A 174 12.26 -3.11 -7.07
CA VAL A 174 13.47 -3.77 -6.57
C VAL A 174 14.72 -2.91 -6.78
N LEU A 175 14.83 -2.29 -7.95
CA LEU A 175 15.92 -1.36 -8.22
C LEU A 175 15.90 -0.19 -7.23
N GLY A 176 14.71 0.37 -7.01
CA GLY A 176 14.55 1.51 -6.14
C GLY A 176 14.87 1.21 -4.68
N SER A 177 14.21 0.20 -4.14
CA SER A 177 14.41 -0.17 -2.74
C SER A 177 15.78 -0.78 -2.51
N GLY A 178 16.31 -1.48 -3.52
CA GLY A 178 17.63 -2.06 -3.42
C GLY A 178 18.71 -1.00 -3.31
N LEU A 179 18.68 -0.03 -4.22
CA LEU A 179 19.63 1.09 -4.19
C LEU A 179 19.52 1.87 -2.89
N ASN A 180 18.31 2.09 -2.43
CA ASN A 180 18.11 2.79 -1.16
C ASN A 180 18.72 2.03 0.02
N ILE A 181 18.67 0.70 -0.05
CA ILE A 181 19.32 -0.15 0.96
C ILE A 181 20.83 0.04 0.93
N VAL A 182 21.39 0.10 -0.27
CA VAL A 182 22.82 0.35 -0.46
C VAL A 182 23.23 1.76 -0.02
N LEU A 183 22.43 2.76 -0.39
CA LEU A 183 22.79 4.14 -0.11
C LEU A 183 22.64 4.53 1.36
N ASP A 184 21.79 3.79 2.09
CA ASP A 184 21.48 4.14 3.47
C ASP A 184 22.69 4.22 4.42
N PRO A 185 23.48 3.13 4.53
CA PRO A 185 24.59 3.24 5.48
C PRO A 185 25.68 4.20 5.00
N ILE A 186 25.87 4.27 3.69
CA ILE A 186 26.87 5.16 3.10
C ILE A 186 26.54 6.63 3.43
N PHE A 187 25.29 7.01 3.22
CA PHE A 187 24.86 8.38 3.43
C PHE A 187 24.77 8.77 4.91
N ILE A 188 24.27 7.86 5.73
CA ILE A 188 24.04 8.16 7.15
C ILE A 188 25.33 8.16 7.96
N TYR A 189 26.11 7.09 7.83
CA TYR A 189 27.31 6.94 8.66
C TYR A 189 28.62 7.25 7.94
N THR A 190 28.82 6.65 6.77
CA THR A 190 30.07 6.79 6.05
C THR A 190 30.36 8.25 5.66
N LEU A 191 29.33 8.94 5.17
CA LEU A 191 29.46 10.35 4.80
C LEU A 191 29.12 11.29 5.97
N GLY A 192 28.50 10.74 7.01
CA GLY A 192 28.23 11.50 8.22
C GLY A 192 27.06 12.46 8.16
N PHE A 193 26.14 12.22 7.22
CA PHE A 193 25.00 13.12 7.05
C PHE A 193 23.93 12.92 8.11
N GLY A 194 24.00 11.80 8.83
CA GLY A 194 23.05 11.53 9.89
C GLY A 194 21.69 11.15 9.34
N VAL A 195 20.64 11.52 10.06
CA VAL A 195 19.28 11.10 9.72
C VAL A 195 18.78 11.71 8.41
N VAL A 196 19.31 12.88 8.04
CA VAL A 196 18.94 13.51 6.77
C VAL A 196 19.61 12.78 5.62
N GLY A 197 20.67 12.03 5.94
CA GLY A 197 21.32 11.18 4.96
C GLY A 197 20.35 10.17 4.39
N ALA A 198 19.47 9.65 5.25
CA ALA A 198 18.46 8.68 4.84
C ALA A 198 17.51 9.28 3.80
N ALA A 199 17.14 10.54 3.99
CA ALA A 199 16.28 11.24 3.04
C ALA A 199 16.93 11.35 1.66
N TYR A 200 18.18 11.80 1.65
CA TYR A 200 18.92 11.93 0.40
C TYR A 200 19.10 10.59 -0.30
N ALA A 201 19.33 9.54 0.49
CA ALA A 201 19.45 8.19 -0.06
C ALA A 201 18.15 7.80 -0.74
N THR A 202 17.03 8.12 -0.11
CA THR A 202 15.72 7.84 -0.68
C THR A 202 15.46 8.67 -1.94
N LEU A 203 15.75 9.97 -1.87
CA LEU A 203 15.54 10.85 -3.02
C LEU A 203 16.31 10.37 -4.25
N LEU A 204 17.60 10.11 -4.07
CA LEU A 204 18.46 9.64 -5.16
C LEU A 204 17.96 8.31 -5.72
N SER A 205 17.53 7.42 -4.84
CA SER A 205 17.02 6.12 -5.26
C SER A 205 15.77 6.28 -6.10
N MET A 206 14.87 7.16 -5.66
CA MET A 206 13.65 7.45 -6.41
C MET A 206 13.99 7.98 -7.80
N VAL A 207 15.01 8.83 -7.86
CA VAL A 207 15.46 9.40 -9.13
C VAL A 207 15.92 8.32 -10.10
N VAL A 208 16.85 7.47 -9.65
CA VAL A 208 17.31 6.36 -10.47
C VAL A 208 16.15 5.50 -10.97
N THR A 209 15.19 5.24 -10.09
CA THR A 209 13.97 4.51 -10.47
C THR A 209 13.27 5.22 -11.64
N SER A 210 13.12 6.54 -11.52
CA SER A 210 12.49 7.36 -12.56
C SER A 210 13.20 7.22 -13.90
N LEU A 211 14.53 7.22 -13.85
CA LEU A 211 15.35 7.13 -15.05
C LEU A 211 15.06 5.83 -15.81
N PHE A 212 14.92 4.73 -15.07
CA PHE A 212 14.56 3.46 -15.67
C PHE A 212 13.16 3.52 -16.28
N ILE A 213 12.20 4.00 -15.51
CA ILE A 213 10.82 4.07 -15.96
C ILE A 213 10.67 4.97 -17.19
N ALA A 214 11.26 6.15 -17.13
CA ALA A 214 11.26 7.06 -18.27
C ALA A 214 11.94 6.45 -19.49
N TYR A 215 12.98 5.66 -19.25
CA TYR A 215 13.69 4.98 -20.34
C TYR A 215 12.76 4.01 -21.06
N TRP A 216 12.02 3.23 -20.29
CA TRP A 216 11.08 2.26 -20.85
C TRP A 216 9.94 2.96 -21.56
N LEU A 217 9.38 3.99 -20.93
CA LEU A 217 8.20 4.66 -21.45
C LEU A 217 8.47 5.61 -22.61
N PHE A 218 9.57 6.35 -22.53
CA PHE A 218 9.82 7.43 -23.49
C PHE A 218 10.95 7.18 -24.49
N VAL A 219 11.84 6.26 -24.17
CA VAL A 219 13.01 6.02 -25.02
C VAL A 219 12.90 4.72 -25.81
N LYS A 220 12.72 3.62 -25.10
CA LYS A 220 12.54 2.33 -25.74
C LYS A 220 11.13 2.26 -26.33
N ARG A 221 10.16 2.80 -25.59
CA ARG A 221 8.75 2.80 -26.00
C ARG A 221 8.26 1.41 -26.35
N ASP A 222 8.64 0.43 -25.53
CA ASP A 222 8.26 -0.95 -25.78
C ASP A 222 7.17 -1.45 -24.82
N THR A 223 6.46 -0.51 -24.19
CA THR A 223 5.22 -0.85 -23.50
C THR A 223 4.14 -1.18 -24.53
N TYR A 224 3.05 -1.79 -24.09
CA TYR A 224 1.91 -2.02 -24.98
C TYR A 224 1.28 -0.68 -25.37
N VAL A 225 1.07 0.19 -24.38
CA VAL A 225 0.49 1.51 -24.62
C VAL A 225 1.44 2.43 -25.39
N ASP A 226 0.88 3.26 -26.25
CA ASP A 226 1.64 4.33 -26.90
C ASP A 226 1.47 5.62 -26.11
N ILE A 227 2.59 6.19 -25.69
CA ILE A 227 2.57 7.44 -24.92
C ILE A 227 3.10 8.59 -25.76
N THR A 228 2.19 9.43 -26.25
CA THR A 228 2.53 10.53 -27.12
C THR A 228 1.48 11.63 -27.03
N LEU A 229 1.92 12.88 -27.15
CA LEU A 229 1.01 14.02 -27.07
C LEU A 229 0.08 14.11 -28.28
N ARG A 230 0.42 13.38 -29.33
CA ARG A 230 -0.43 13.30 -30.52
C ARG A 230 -1.63 12.40 -30.28
N ASP A 231 -1.44 11.35 -29.49
CA ASP A 231 -2.52 10.46 -29.11
C ASP A 231 -3.07 10.86 -27.74
N PHE A 232 -3.07 12.17 -27.49
CA PHE A 232 -3.65 12.72 -26.26
C PHE A 232 -4.85 13.61 -26.60
N SER A 233 -5.98 13.34 -25.94
CA SER A 233 -7.20 14.11 -26.16
C SER A 233 -7.93 14.28 -24.84
N PRO A 234 -7.85 15.50 -24.27
CA PRO A 234 -8.35 15.85 -22.93
C PRO A 234 -9.74 15.30 -22.67
N SER A 235 -9.88 14.42 -21.68
CA SER A 235 -11.12 13.70 -21.44
C SER A 235 -11.63 13.85 -20.01
N ARG A 236 -12.84 14.37 -19.88
CA ARG A 236 -13.52 14.44 -18.59
C ARG A 236 -13.77 13.04 -18.03
N GLU A 237 -14.09 12.10 -18.91
CA GLU A 237 -14.44 10.74 -18.49
C GLU A 237 -13.22 9.99 -17.97
N ILE A 238 -12.11 10.08 -18.68
CA ILE A 238 -10.86 9.47 -18.25
C ILE A 238 -10.42 10.01 -16.90
N LEU A 239 -10.48 11.33 -16.75
CA LEU A 239 -10.17 11.98 -15.48
C LEU A 239 -11.08 11.46 -14.36
N LYS A 240 -12.38 11.43 -14.62
CA LYS A 240 -13.33 10.92 -13.64
C LYS A 240 -13.10 9.43 -13.33
N ASP A 241 -12.71 8.67 -14.35
CA ASP A 241 -12.45 7.25 -14.17
C ASP A 241 -11.28 7.00 -13.22
N ILE A 242 -10.17 7.70 -13.46
CA ILE A 242 -8.98 7.57 -12.62
C ILE A 242 -9.24 8.03 -11.19
N LEU A 243 -9.98 9.12 -11.03
CA LEU A 243 -10.23 9.69 -9.72
C LEU A 243 -11.28 8.90 -8.93
N ARG A 244 -12.18 8.22 -9.63
CA ARG A 244 -13.20 7.42 -8.95
C ARG A 244 -12.57 6.20 -8.24
N VAL A 245 -11.36 5.84 -8.64
CA VAL A 245 -10.60 4.80 -7.96
C VAL A 245 -9.48 5.44 -7.14
N GLY A 246 -8.74 6.33 -7.77
CA GLY A 246 -7.63 7.01 -7.13
C GLY A 246 -7.94 7.71 -5.82
N LEU A 247 -8.85 8.67 -5.86
CA LEU A 247 -9.18 9.45 -4.67
C LEU A 247 -9.70 8.61 -3.48
N PRO A 248 -10.66 7.70 -3.72
CA PRO A 248 -11.08 6.85 -2.60
C PRO A 248 -9.97 5.94 -2.09
N SER A 249 -9.03 5.59 -2.98
CA SER A 249 -7.87 4.78 -2.59
C SER A 249 -7.00 5.53 -1.57
N SER A 250 -6.75 6.81 -1.84
CA SER A 250 -5.96 7.63 -0.92
C SER A 250 -6.68 7.83 0.41
N LEU A 251 -7.99 8.05 0.33
CA LEU A 251 -8.79 8.28 1.53
C LEU A 251 -8.86 7.03 2.41
N SER A 252 -8.59 5.87 1.82
CA SER A 252 -8.58 4.62 2.58
C SER A 252 -7.36 4.54 3.49
N GLN A 253 -6.23 5.07 3.02
CA GLN A 253 -5.02 5.11 3.83
C GLN A 253 -5.19 6.11 4.97
N LEU A 254 -5.94 7.18 4.70
CA LEU A 254 -6.31 8.15 5.72
C LEU A 254 -7.10 7.47 6.83
N SER A 255 -8.03 6.61 6.42
CA SER A 255 -8.85 5.86 7.35
C SER A 255 -8.00 4.94 8.23
N MET A 256 -7.01 4.30 7.62
CA MET A 256 -6.07 3.45 8.36
C MET A 256 -5.29 4.25 9.39
N SER A 257 -4.79 5.41 8.99
CA SER A 257 -3.98 6.24 9.87
C SER A 257 -4.80 6.76 11.05
N ILE A 258 -6.05 7.12 10.78
CA ILE A 258 -6.95 7.58 11.82
C ILE A 258 -7.34 6.42 12.74
N ALA A 259 -7.54 5.24 12.17
CA ALA A 259 -7.80 4.05 12.97
C ALA A 259 -6.59 3.70 13.81
N MET A 260 -5.41 3.90 13.24
CA MET A 260 -4.15 3.66 13.94
C MET A 260 -3.99 4.62 15.12
N PHE A 261 -4.45 5.85 14.95
CA PHE A 261 -4.44 6.84 16.03
C PHE A 261 -5.35 6.37 17.16
N PHE A 262 -6.56 5.97 16.80
CA PHE A 262 -7.53 5.47 17.77
C PHE A 262 -7.02 4.22 18.47
N LEU A 263 -6.48 3.28 17.69
CA LEU A 263 -5.96 2.03 18.25
C LEU A 263 -4.81 2.27 19.21
N ASN A 264 -3.95 3.23 18.90
CA ASN A 264 -2.87 3.60 19.81
C ASN A 264 -3.42 4.16 21.12
N SER A 265 -4.56 4.83 21.06
CA SER A 265 -5.14 5.50 22.22
C SER A 265 -5.88 4.51 23.14
N VAL A 266 -6.42 3.44 22.56
CA VAL A 266 -7.07 2.41 23.35
C VAL A 266 -6.02 1.54 24.00
N ALA A 267 -4.86 1.47 23.35
CA ALA A 267 -3.75 0.65 23.83
C ALA A 267 -3.04 1.24 25.07
N ILE A 268 -3.05 2.56 25.23
CA ILE A 268 -2.46 3.16 26.43
C ILE A 268 -3.40 2.94 27.58
N THR A 269 -4.68 3.09 27.30
CA THR A 269 -5.72 2.85 28.29
C THR A 269 -5.71 1.40 28.85
N ALA A 270 -5.07 0.49 28.10
CA ALA A 270 -5.26 -0.94 28.35
C ALA A 270 -4.51 -1.49 29.57
N GLY A 271 -3.18 -1.45 29.55
CA GLY A 271 -2.40 -0.61 28.64
C GLY A 271 -1.12 0.04 29.11
N GLY A 272 -1.06 1.36 29.05
CA GLY A 272 0.16 2.04 29.44
C GLY A 272 1.10 2.41 28.29
N GLU A 273 2.24 3.03 28.61
CA GLU A 273 3.25 3.28 27.58
C GLU A 273 3.80 1.97 27.02
N ASN A 274 4.06 1.03 27.92
CA ASN A 274 4.51 -0.30 27.53
C ASN A 274 3.46 -1.06 26.72
N GLY A 275 2.19 -0.79 27.02
CA GLY A 275 1.09 -1.39 26.27
C GLY A 275 1.07 -0.89 24.84
N VAL A 276 1.43 0.38 24.66
CA VAL A 276 1.54 0.97 23.34
C VAL A 276 2.68 0.32 22.56
N ALA A 277 3.80 0.11 23.25
CA ALA A 277 4.97 -0.51 22.66
C ALA A 277 4.70 -1.95 22.21
N VAL A 278 3.95 -2.68 23.03
CA VAL A 278 3.58 -4.06 22.68
C VAL A 278 2.71 -4.09 21.44
N PHE A 279 1.68 -3.26 21.41
CA PHE A 279 0.78 -3.17 20.26
C PHE A 279 1.54 -2.77 18.99
N THR A 280 2.44 -1.81 19.12
CA THR A 280 3.25 -1.36 17.99
C THR A 280 4.10 -2.49 17.42
N SER A 281 4.79 -3.21 18.31
CA SER A 281 5.62 -4.34 17.91
C SER A 281 4.80 -5.46 17.26
N ALA A 282 3.67 -5.79 17.89
CA ALA A 282 2.82 -6.87 17.38
C ALA A 282 2.15 -6.50 16.06
N TRP A 283 1.74 -5.24 15.93
CA TRP A 283 1.12 -4.78 14.69
C TRP A 283 2.11 -4.85 13.54
N ARG A 284 3.30 -4.31 13.78
CA ARG A 284 4.39 -4.31 12.80
C ARG A 284 4.72 -5.71 12.29
N ILE A 285 4.78 -6.67 13.21
CA ILE A 285 5.07 -8.06 12.84
C ILE A 285 3.92 -8.66 12.04
N THR A 286 2.70 -8.45 12.51
CA THR A 286 1.51 -8.96 11.83
C THR A 286 1.35 -8.39 10.42
N MET A 287 1.76 -7.13 10.23
CA MET A 287 1.63 -6.48 8.92
C MET A 287 2.61 -7.01 7.89
N LEU A 288 3.54 -7.87 8.31
CA LEU A 288 4.46 -8.52 7.38
C LEU A 288 3.73 -9.57 6.55
N GLY A 289 2.66 -10.13 7.12
CA GLY A 289 1.83 -11.09 6.41
C GLY A 289 0.82 -10.41 5.51
N ILE A 290 0.71 -9.09 5.65
CA ILE A 290 -0.16 -8.29 4.80
C ILE A 290 0.42 -8.18 3.39
N VAL A 291 1.74 -8.23 3.30
CA VAL A 291 2.46 -8.10 2.03
C VAL A 291 1.98 -9.03 0.91
N PRO A 292 1.85 -10.35 1.19
CA PRO A 292 1.34 -11.20 0.11
C PRO A 292 -0.07 -10.82 -0.33
N ILE A 293 -0.89 -10.39 0.61
CA ILE A 293 -2.25 -9.95 0.30
C ILE A 293 -2.27 -8.75 -0.64
N LEU A 294 -1.46 -7.75 -0.31
CA LEU A 294 -1.34 -6.56 -1.15
C LEU A 294 -0.84 -6.91 -2.55
N GLY A 295 0.02 -7.93 -2.63
CA GLY A 295 0.52 -8.40 -3.92
C GLY A 295 -0.61 -9.01 -4.73
N MET A 296 -1.46 -9.78 -4.05
CA MET A 296 -2.58 -10.43 -4.69
C MET A 296 -3.65 -9.42 -5.08
N ALA A 297 -3.80 -8.38 -4.26
CA ALA A 297 -4.78 -7.32 -4.52
C ALA A 297 -4.45 -6.58 -5.81
N ALA A 298 -3.17 -6.24 -5.98
CA ALA A 298 -2.71 -5.54 -7.18
C ALA A 298 -3.04 -6.35 -8.43
N ALA A 299 -2.75 -7.64 -8.38
CA ALA A 299 -3.05 -8.54 -9.49
C ALA A 299 -4.56 -8.64 -9.72
N THR A 300 -5.30 -8.77 -8.63
CA THR A 300 -6.77 -8.88 -8.70
C THR A 300 -7.39 -7.70 -9.43
N THR A 301 -6.93 -6.49 -9.11
CA THR A 301 -7.41 -5.28 -9.76
C THR A 301 -7.17 -5.33 -11.27
N SER A 302 -5.98 -5.76 -11.66
CA SER A 302 -5.63 -5.87 -13.08
C SER A 302 -6.48 -6.91 -13.80
N VAL A 303 -6.54 -8.11 -13.24
CA VAL A 303 -7.21 -9.23 -13.91
C VAL A 303 -8.72 -9.04 -13.95
N THR A 304 -9.32 -8.60 -12.85
CA THR A 304 -10.76 -8.34 -12.84
C THR A 304 -11.10 -7.12 -13.70
N GLY A 305 -10.14 -6.21 -13.83
CA GLY A 305 -10.32 -5.05 -14.68
C GLY A 305 -10.39 -5.44 -16.14
N ALA A 306 -9.43 -6.23 -16.60
CA ALA A 306 -9.42 -6.72 -17.97
C ALA A 306 -10.65 -7.56 -18.25
N ALA A 307 -11.03 -8.38 -17.28
CA ALA A 307 -12.20 -9.25 -17.41
C ALA A 307 -13.48 -8.43 -17.47
N TYR A 308 -13.50 -7.29 -16.77
CA TYR A 308 -14.64 -6.39 -16.81
C TYR A 308 -14.73 -5.71 -18.17
N GLY A 309 -13.58 -5.46 -18.78
CA GLY A 309 -13.53 -4.86 -20.10
C GLY A 309 -14.02 -5.81 -21.18
N GLU A 310 -13.79 -7.11 -20.95
CA GLU A 310 -14.20 -8.13 -21.91
C GLU A 310 -15.67 -8.49 -21.72
N ARG A 311 -16.28 -7.94 -20.67
CA ARG A 311 -17.64 -8.25 -20.27
C ARG A 311 -17.78 -9.73 -19.94
N ASN A 312 -16.71 -10.30 -19.41
CA ASN A 312 -16.69 -11.69 -18.97
C ASN A 312 -16.73 -11.77 -17.44
N VAL A 313 -17.92 -11.94 -16.90
CA VAL A 313 -18.14 -11.94 -15.46
C VAL A 313 -17.66 -13.23 -14.82
N GLU A 314 -17.77 -14.33 -15.56
CA GLU A 314 -17.25 -15.61 -15.09
C GLU A 314 -15.75 -15.52 -14.85
N LYS A 315 -15.04 -14.94 -15.82
CA LYS A 315 -13.60 -14.72 -15.71
C LYS A 315 -13.27 -13.82 -14.52
N LEU A 316 -14.04 -12.75 -14.33
CA LEU A 316 -13.84 -11.83 -13.22
C LEU A 316 -14.05 -12.52 -11.88
N GLU A 317 -15.16 -13.24 -11.76
CA GLU A 317 -15.50 -13.94 -10.53
C GLU A 317 -14.47 -15.01 -10.21
N THR A 318 -13.98 -15.67 -11.25
CA THR A 318 -12.96 -16.71 -11.09
C THR A 318 -11.68 -16.14 -10.49
N ALA A 319 -11.15 -15.09 -11.11
CA ALA A 319 -9.92 -14.46 -10.66
C ALA A 319 -10.05 -13.97 -9.21
N TYR A 320 -11.14 -13.28 -8.93
CA TYR A 320 -11.45 -12.75 -7.61
C TYR A 320 -11.49 -13.85 -6.54
N LEU A 321 -12.15 -14.96 -6.85
CA LEU A 321 -12.26 -16.06 -5.90
C LEU A 321 -10.98 -16.88 -5.79
N TYR A 322 -10.25 -16.98 -6.90
CA TYR A 322 -8.98 -17.72 -6.90
C TYR A 322 -7.94 -16.97 -6.08
N ALA A 323 -7.95 -15.64 -6.22
CA ALA A 323 -7.06 -14.79 -5.44
C ALA A 323 -7.32 -14.97 -3.94
N ILE A 324 -8.60 -15.06 -3.58
CA ILE A 324 -8.98 -15.27 -2.19
C ILE A 324 -8.44 -16.61 -1.68
N LYS A 325 -8.58 -17.65 -2.49
CA LYS A 325 -8.09 -18.98 -2.12
C LYS A 325 -6.58 -19.01 -1.88
N ILE A 326 -5.81 -18.49 -2.83
CA ILE A 326 -4.35 -18.48 -2.71
C ILE A 326 -3.89 -17.68 -1.50
N ALA A 327 -4.44 -16.49 -1.34
CA ALA A 327 -4.08 -15.63 -0.20
C ALA A 327 -4.46 -16.29 1.12
N PHE A 328 -5.62 -16.94 1.15
CA PHE A 328 -6.09 -17.66 2.34
C PHE A 328 -5.10 -18.74 2.78
N MET A 329 -4.60 -19.52 1.82
CA MET A 329 -3.67 -20.60 2.12
C MET A 329 -2.31 -20.08 2.53
N ILE A 330 -1.87 -18.99 1.89
CA ILE A 330 -0.62 -18.33 2.25
C ILE A 330 -0.66 -17.88 3.70
N GLU A 331 -1.77 -17.25 4.08
CA GLU A 331 -1.93 -16.72 5.43
C GLU A 331 -1.96 -17.80 6.50
N LEU A 332 -2.55 -18.96 6.18
CA LEU A 332 -2.55 -20.09 7.11
C LEU A 332 -1.13 -20.44 7.52
N ALA A 333 -0.22 -20.48 6.54
CA ALA A 333 1.18 -20.76 6.79
C ALA A 333 1.82 -19.65 7.62
N VAL A 334 1.48 -18.40 7.28
CA VAL A 334 2.00 -17.24 7.98
C VAL A 334 1.53 -17.20 9.43
N VAL A 335 0.24 -17.42 9.64
CA VAL A 335 -0.35 -17.40 10.98
C VAL A 335 0.21 -18.53 11.84
N ALA A 336 0.22 -19.74 11.29
CA ALA A 336 0.74 -20.90 12.02
C ALA A 336 2.20 -20.69 12.41
N PHE A 337 2.98 -20.13 11.49
CA PHE A 337 4.39 -19.85 11.74
C PHE A 337 4.58 -18.87 12.89
N ILE A 338 3.78 -17.80 12.87
CA ILE A 338 3.86 -16.76 13.89
C ILE A 338 3.46 -17.29 15.28
N MET A 339 2.37 -18.05 15.34
CA MET A 339 1.87 -18.55 16.62
C MET A 339 2.76 -19.65 17.18
N LEU A 340 3.37 -20.42 16.30
CA LEU A 340 4.26 -21.50 16.72
C LEU A 340 5.59 -20.93 17.21
N PHE A 341 6.13 -19.98 16.47
CA PHE A 341 7.43 -19.38 16.81
C PHE A 341 7.30 -18.01 17.49
N ALA A 342 6.20 -17.81 18.21
CA ALA A 342 5.96 -16.55 18.91
C ALA A 342 7.05 -16.13 19.91
N PRO A 343 7.56 -17.07 20.73
CA PRO A 343 8.65 -16.67 21.63
C PRO A 343 9.90 -16.26 20.87
N GLN A 344 10.26 -17.03 19.84
CA GLN A 344 11.45 -16.75 19.04
C GLN A 344 11.35 -15.42 18.29
N VAL A 345 10.16 -15.12 17.77
CA VAL A 345 9.93 -13.87 17.05
C VAL A 345 9.97 -12.67 17.99
N ALA A 346 9.29 -12.79 19.12
CA ALA A 346 9.25 -11.73 20.12
C ALA A 346 10.65 -11.44 20.66
N TYR A 347 11.49 -12.48 20.74
CA TYR A 347 12.87 -12.32 21.17
C TYR A 347 13.62 -11.41 20.20
N LEU A 348 13.38 -11.61 18.92
CA LEU A 348 14.10 -10.87 17.88
C LEU A 348 13.72 -9.40 17.84
N PHE A 349 12.46 -9.10 18.17
CA PHE A 349 11.99 -7.72 18.08
C PHE A 349 12.00 -6.99 19.42
N THR A 350 12.41 -7.70 20.48
CA THR A 350 12.70 -7.06 21.76
C THR A 350 14.20 -6.98 22.04
N ALA A 355 14.55 -3.55 26.69
CA ALA A 355 13.17 -3.92 26.99
C ALA A 355 12.95 -5.42 26.82
N GLN A 356 12.87 -6.14 27.93
CA GLN A 356 12.62 -7.58 27.91
C GLN A 356 11.34 -7.90 28.70
N VAL A 357 10.91 -6.94 29.51
CA VAL A 357 9.76 -7.14 30.40
C VAL A 357 8.42 -7.06 29.66
N ILE A 358 8.47 -6.70 28.37
CA ILE A 358 7.28 -6.68 27.54
C ILE A 358 7.22 -7.89 26.63
N LYS A 359 8.24 -8.73 26.72
CA LYS A 359 8.36 -9.89 25.84
C LYS A 359 7.20 -10.87 26.04
N GLY A 360 6.83 -11.09 27.29
CA GLY A 360 5.71 -11.96 27.61
C GLY A 360 4.41 -11.42 27.07
N ASP A 361 4.25 -10.11 27.14
CA ASP A 361 3.08 -9.43 26.59
C ASP A 361 3.05 -9.54 25.07
N LEU A 362 4.22 -9.48 24.45
CA LEU A 362 4.32 -9.55 23.00
C LEU A 362 4.00 -10.96 22.49
N ILE A 363 4.51 -11.97 23.19
CA ILE A 363 4.25 -13.37 22.83
C ILE A 363 2.76 -13.67 22.84
N SER A 364 2.06 -13.17 23.86
CA SER A 364 0.61 -13.32 23.94
C SER A 364 -0.08 -12.62 22.77
N ALA A 365 0.47 -11.48 22.37
CA ALA A 365 -0.08 -10.70 21.26
C ALA A 365 0.10 -11.43 19.93
N LEU A 366 1.28 -12.03 19.73
CA LEU A 366 1.57 -12.75 18.50
C LEU A 366 0.81 -14.07 18.43
N ARG A 367 0.20 -14.44 19.54
CA ARG A 367 -0.61 -15.65 19.62
C ARG A 367 -2.09 -15.30 19.55
N THR A 368 -2.39 -14.02 19.43
CA THR A 368 -3.77 -13.55 19.41
C THR A 368 -4.04 -12.63 18.22
N LEU A 369 -3.20 -11.61 18.04
CA LEU A 369 -3.39 -10.61 17.00
C LEU A 369 -3.48 -11.13 15.56
N PRO A 370 -2.48 -11.90 15.09
CA PRO A 370 -2.45 -12.18 13.65
C PRO A 370 -3.51 -13.18 13.16
N VAL A 371 -4.40 -13.62 14.03
CA VAL A 371 -5.46 -14.55 13.66
C VAL A 371 -6.31 -14.00 12.51
N PHE A 372 -6.57 -12.70 12.53
CA PHE A 372 -7.44 -12.09 11.54
C PHE A 372 -6.86 -12.11 10.11
N LEU A 373 -5.57 -12.38 10.00
CA LEU A 373 -4.91 -12.46 8.70
C LEU A 373 -5.54 -13.55 7.83
N VAL A 374 -6.13 -14.55 8.48
CA VAL A 374 -6.79 -15.64 7.78
C VAL A 374 -8.02 -15.16 7.02
N LEU A 375 -8.80 -14.25 7.62
CA LEU A 375 -10.02 -13.76 6.99
C LEU A 375 -9.81 -12.47 6.19
N THR A 376 -8.65 -11.85 6.36
CA THR A 376 -8.31 -10.63 5.61
C THR A 376 -8.47 -10.73 4.07
N PRO A 377 -8.02 -11.84 3.45
CA PRO A 377 -8.15 -11.90 1.99
C PRO A 377 -9.59 -11.80 1.48
N PHE A 378 -10.55 -12.25 2.28
CA PHE A 378 -11.95 -12.25 1.86
C PHE A 378 -12.48 -10.84 1.61
N GLY A 379 -11.98 -9.87 2.39
CA GLY A 379 -12.46 -8.50 2.29
C GLY A 379 -11.63 -7.63 1.40
N MET A 380 -10.33 -7.89 1.34
CA MET A 380 -9.43 -7.02 0.58
C MET A 380 -9.39 -7.38 -0.92
N MET A 381 -9.64 -8.64 -1.25
CA MET A 381 -9.78 -9.02 -2.65
C MET A 381 -11.08 -8.45 -3.19
N THR A 382 -12.06 -8.28 -2.31
CA THR A 382 -13.31 -7.64 -2.67
C THR A 382 -13.06 -6.18 -3.00
N SER A 383 -12.34 -5.50 -2.12
CA SER A 383 -11.92 -4.13 -2.37
C SER A 383 -11.12 -4.04 -3.67
N ALA A 384 -10.19 -4.97 -3.84
CA ALA A 384 -9.33 -5.02 -5.02
C ALA A 384 -10.15 -5.10 -6.30
N MET A 385 -11.17 -5.94 -6.32
CA MET A 385 -11.97 -6.11 -7.51
C MET A 385 -12.98 -4.97 -7.67
N PHE A 386 -13.39 -4.38 -6.55
CA PHE A 386 -14.20 -3.15 -6.59
C PHE A 386 -13.44 -2.06 -7.35
N GLN A 387 -12.14 -2.00 -7.12
CA GLN A 387 -11.26 -1.08 -7.83
C GLN A 387 -11.12 -1.47 -9.30
N GLY A 388 -10.99 -2.77 -9.55
CA GLY A 388 -10.88 -3.30 -10.90
C GLY A 388 -12.07 -2.95 -11.77
N ILE A 389 -13.25 -2.95 -11.19
CA ILE A 389 -14.45 -2.59 -11.94
C ILE A 389 -14.70 -1.07 -11.91
N GLY A 390 -13.82 -0.35 -11.23
CA GLY A 390 -13.87 1.10 -11.26
C GLY A 390 -14.72 1.72 -10.16
N GLU A 391 -15.17 0.92 -9.21
CA GLU A 391 -16.04 1.44 -8.14
C GLU A 391 -15.30 1.61 -6.81
N GLY A 392 -14.29 2.47 -6.81
CA GLY A 392 -13.45 2.69 -5.65
C GLY A 392 -14.15 3.20 -4.40
N GLU A 393 -15.28 3.88 -4.56
CA GLU A 393 -16.03 4.36 -3.40
C GLU A 393 -16.51 3.22 -2.53
N LYS A 394 -16.84 2.09 -3.15
CA LYS A 394 -17.22 0.89 -2.43
C LYS A 394 -16.05 0.34 -1.63
N SER A 395 -14.85 0.45 -2.20
CA SER A 395 -13.64 0.01 -1.53
C SER A 395 -13.35 0.88 -0.32
N LEU A 396 -13.58 2.19 -0.46
CA LEU A 396 -13.39 3.13 0.62
C LEU A 396 -14.40 2.89 1.75
N ILE A 397 -15.65 2.68 1.37
CA ILE A 397 -16.71 2.39 2.33
C ILE A 397 -16.38 1.16 3.15
N LEU A 398 -15.95 0.10 2.46
CA LEU A 398 -15.59 -1.14 3.13
C LEU A 398 -14.40 -0.95 4.07
N THR A 399 -13.41 -0.19 3.62
CA THR A 399 -12.23 0.11 4.43
C THR A 399 -12.59 0.90 5.69
N ILE A 400 -13.44 1.91 5.52
CA ILE A 400 -13.94 2.70 6.64
C ILE A 400 -14.70 1.82 7.64
N PHE A 401 -15.54 0.93 7.12
CA PHE A 401 -16.28 -0.01 7.95
C PHE A 401 -15.34 -0.91 8.74
N ARG A 402 -14.28 -1.36 8.06
CA ARG A 402 -13.34 -2.30 8.66
C ARG A 402 -12.40 -1.65 9.68
N THR A 403 -11.70 -0.60 9.26
CA THR A 403 -10.68 0.02 10.10
C THR A 403 -11.24 0.88 11.24
N LEU A 404 -12.27 1.67 10.95
CA LEU A 404 -12.80 2.59 11.95
C LEU A 404 -13.92 2.00 12.79
N VAL A 405 -15.01 1.60 12.15
CA VAL A 405 -16.19 1.11 12.84
C VAL A 405 -15.95 -0.20 13.60
N MET A 406 -15.32 -1.17 12.92
CA MET A 406 -15.16 -2.52 13.47
C MET A 406 -13.91 -2.72 14.34
N GLN A 407 -12.76 -2.34 13.81
CA GLN A 407 -11.50 -2.49 14.56
C GLN A 407 -11.53 -1.73 15.87
N VAL A 408 -11.80 -0.43 15.77
CA VAL A 408 -11.74 0.47 16.93
C VAL A 408 -12.89 0.23 17.88
N GLY A 409 -14.09 0.05 17.33
CA GLY A 409 -15.28 -0.18 18.13
C GLY A 409 -15.17 -1.40 19.02
N PHE A 410 -14.80 -2.53 18.43
CA PHE A 410 -14.66 -3.78 19.16
C PHE A 410 -13.48 -3.75 20.13
N ALA A 411 -12.41 -3.07 19.75
CA ALA A 411 -11.26 -2.92 20.64
C ALA A 411 -11.65 -2.12 21.88
N TYR A 412 -12.34 -1.01 21.64
CA TYR A 412 -12.82 -0.14 22.71
C TYR A 412 -13.83 -0.84 23.62
N ILE A 413 -14.69 -1.67 23.02
CA ILE A 413 -15.67 -2.43 23.77
C ILE A 413 -15.04 -3.49 24.65
N PHE A 414 -14.13 -4.27 24.08
CA PHE A 414 -13.46 -5.34 24.81
C PHE A 414 -12.45 -4.82 25.83
N VAL A 415 -12.15 -3.52 25.77
CA VAL A 415 -11.24 -2.90 26.72
C VAL A 415 -11.98 -2.21 27.86
N HIS A 416 -12.98 -1.40 27.52
CA HIS A 416 -13.62 -0.52 28.48
C HIS A 416 -14.84 -1.14 29.17
N TYR A 417 -15.36 -2.22 28.59
CA TYR A 417 -16.52 -2.89 29.14
C TYR A 417 -16.14 -4.29 29.63
N THR A 418 -14.87 -4.44 30.02
CA THR A 418 -14.30 -5.75 30.27
C THR A 418 -12.95 -5.61 31.00
N THR A 419 -12.68 -6.54 31.90
CA THR A 419 -11.46 -6.48 32.72
C THR A 419 -10.22 -6.99 31.99
N LEU A 420 -10.37 -7.39 30.73
CA LEU A 420 -9.21 -7.76 29.91
C LEU A 420 -8.34 -6.54 29.69
N GLY A 421 -7.04 -6.77 29.46
CA GLY A 421 -6.10 -5.68 29.27
C GLY A 421 -5.73 -5.50 27.82
N LEU A 422 -4.45 -5.70 27.50
CA LEU A 422 -3.99 -5.65 26.12
C LEU A 422 -4.64 -6.76 25.29
N ARG A 423 -4.98 -7.86 25.96
CA ARG A 423 -5.66 -8.99 25.34
C ARG A 423 -7.02 -8.57 24.78
N GLY A 424 -7.63 -7.58 25.40
CA GLY A 424 -8.90 -7.05 24.94
C GLY A 424 -8.75 -6.31 23.63
N VAL A 425 -7.55 -5.78 23.39
CA VAL A 425 -7.27 -5.05 22.16
C VAL A 425 -7.11 -5.99 20.98
N TRP A 426 -6.33 -7.05 21.17
CA TRP A 426 -6.12 -8.02 20.09
C TRP A 426 -7.43 -8.70 19.72
N ILE A 427 -8.16 -9.14 20.75
CA ILE A 427 -9.44 -9.81 20.55
C ILE A 427 -10.44 -8.91 19.82
N GLY A 428 -10.55 -7.66 20.27
CA GLY A 428 -11.41 -6.69 19.61
C GLY A 428 -11.04 -6.47 18.15
N ILE A 429 -9.74 -6.30 17.90
CA ILE A 429 -9.24 -6.09 16.54
C ILE A 429 -9.51 -7.30 15.65
N VAL A 430 -9.22 -8.49 16.17
CA VAL A 430 -9.44 -9.74 15.44
C VAL A 430 -10.91 -9.93 15.06
N ILE A 431 -11.79 -9.82 16.05
CA ILE A 431 -13.22 -9.99 15.83
C ILE A 431 -13.76 -8.97 14.82
N GLY A 432 -13.40 -7.70 15.02
CA GLY A 432 -13.81 -6.64 14.12
C GLY A 432 -13.37 -6.86 12.68
N ASN A 433 -12.10 -7.23 12.51
CA ASN A 433 -11.57 -7.54 11.18
C ASN A 433 -12.31 -8.70 10.53
N MET A 434 -12.66 -9.69 11.32
CA MET A 434 -13.33 -10.89 10.83
C MET A 434 -14.78 -10.61 10.44
N VAL A 435 -15.47 -9.79 11.23
CA VAL A 435 -16.84 -9.41 10.90
C VAL A 435 -16.84 -8.60 9.62
N ALA A 436 -15.89 -7.68 9.50
CA ALA A 436 -15.75 -6.83 8.33
C ALA A 436 -15.47 -7.63 7.06
N ALA A 437 -14.80 -8.76 7.21
CA ALA A 437 -14.44 -9.59 6.06
C ALA A 437 -15.62 -10.43 5.59
N ILE A 438 -16.48 -10.83 6.53
CA ILE A 438 -17.71 -11.53 6.18
C ILE A 438 -18.61 -10.61 5.38
N VAL A 439 -18.79 -9.41 5.91
CA VAL A 439 -19.67 -8.40 5.30
C VAL A 439 -19.19 -7.98 3.92
N GLY A 440 -17.90 -7.76 3.78
CA GLY A 440 -17.32 -7.35 2.51
C GLY A 440 -17.40 -8.43 1.45
N PHE A 441 -17.08 -9.66 1.84
CA PHE A 441 -17.15 -10.81 0.95
C PHE A 441 -18.57 -11.00 0.44
N LEU A 442 -19.54 -10.84 1.34
CA LEU A 442 -20.95 -10.89 0.97
C LEU A 442 -21.34 -9.75 0.04
N TRP A 443 -20.79 -8.57 0.29
CA TRP A 443 -21.03 -7.42 -0.59
C TRP A 443 -20.42 -7.70 -1.96
N GLY A 444 -19.28 -8.39 -1.97
CA GLY A 444 -18.63 -8.77 -3.21
C GLY A 444 -19.46 -9.76 -4.00
N ARG A 445 -20.13 -10.67 -3.29
CA ARG A 445 -20.98 -11.66 -3.93
C ARG A 445 -22.22 -11.02 -4.55
N MET A 446 -22.85 -10.11 -3.82
CA MET A 446 -24.01 -9.38 -4.31
C MET A 446 -23.68 -8.57 -5.56
N ARG A 447 -22.53 -7.92 -5.52
CA ARG A 447 -22.08 -7.08 -6.63
C ARG A 447 -21.85 -7.92 -7.90
N ILE A 448 -21.25 -9.08 -7.72
CA ILE A 448 -20.98 -9.99 -8.84
C ILE A 448 -22.28 -10.57 -9.39
N SER A 449 -23.19 -10.95 -8.50
CA SER A 449 -24.52 -11.40 -8.89
C SER A 449 -25.23 -10.30 -9.68
N ALA A 450 -25.06 -9.06 -9.23
CA ALA A 450 -25.64 -7.92 -9.90
C ALA A 450 -25.06 -7.74 -11.30
N LEU A 451 -23.76 -7.97 -11.42
CA LEU A 451 -23.08 -7.90 -12.72
C LEU A 451 -23.59 -8.97 -13.69
N LYS A 452 -23.98 -10.11 -13.14
CA LYS A 452 -24.44 -11.24 -13.96
C LYS A 452 -25.82 -11.00 -14.56
N LYS A 453 -26.58 -10.11 -13.94
CA LYS A 453 -27.90 -9.76 -14.45
C LYS A 453 -27.90 -8.40 -15.12
N THR A 454 -26.75 -8.02 -15.66
CA THR A 454 -26.59 -6.71 -16.27
C THR A 454 -25.54 -6.73 -17.38
C9 OLC B . 15.23 -9.89 -4.52
C8 OLC B . 14.53 -10.58 -5.67
C7 OLC B . 14.78 -9.81 -6.97
C6 OLC B . 14.36 -10.64 -8.18
C5 OLC B . 13.65 -9.78 -9.23
C4 OLC B . 13.92 -10.29 -10.63
C3 OLC B . 13.99 -9.16 -11.66
C2 OLC B . 14.18 -9.72 -13.07
C1 OLC B . 13.41 -8.90 -14.07
O19 OLC B . 13.37 -9.24 -15.27
C10 OLC C . -5.43 12.48 1.40
C9 OLC C . -4.71 11.34 1.98
C11 OLC C . -6.68 12.28 0.59
C8 OLC C . -4.54 11.19 3.47
C12 OLC C . -7.08 13.60 -0.06
C7 OLC C . -3.17 10.55 3.72
C6 OLC C . -3.16 9.74 5.00
C5 OLC C . -2.17 10.31 6.02
C4 OLC C . -1.09 9.30 6.38
C3 OLC C . -0.71 9.43 7.85
C2 OLC C . 0.06 8.19 8.32
C1 OLC C . 0.67 8.46 9.69
O19 OLC C . 1.02 7.52 10.42
C10 OLC D . -3.65 17.40 -3.59
C9 OLC D . -2.50 17.59 -2.71
C11 OLC D . -5.05 17.46 -3.04
C8 OLC D . -2.29 18.90 -1.97
C7 OLC D . -0.97 18.86 -1.22
C6 OLC D . -1.11 18.10 0.09
C5 OLC D . 0.03 17.10 0.30
C4 OLC D . 0.13 16.67 1.75
C3 OLC D . 0.06 15.17 1.92
C2 OLC D . -0.81 14.75 3.11
C1 OLC D . -0.42 15.49 4.37
O19 OLC D . -0.84 15.11 5.48
C18 OLC E . -6.11 16.67 -19.31
C17 OLC E . -5.56 16.06 -18.03
C11 OLC E . -8.25 18.63 -11.66
C16 OLC E . -5.38 17.14 -16.95
C12 OLC E . -7.60 19.15 -12.94
C15 OLC E . -6.55 17.14 -15.98
C13 OLC E . -6.86 18.02 -13.65
C14 OLC E . -6.54 18.38 -15.10
C18 OLC F . 6.22 11.68 -25.88
C10 OLC F . 4.90 14.41 -17.82
C9 OLC F . 6.26 14.76 -17.37
C17 OLC F . 5.39 12.69 -25.12
C11 OLC F . 4.69 13.88 -19.22
C8 OLC F . 7.32 13.70 -17.29
C16 OLC F . 4.89 12.07 -23.82
C12 OLC F . 3.22 13.67 -19.48
C7 OLC F . 8.66 14.26 -17.75
C15 OLC F . 4.51 13.15 -22.81
C13 OLC F . 2.89 13.67 -20.97
C6 OLC F . 9.79 13.26 -17.58
C14 OLC F . 3.65 12.56 -21.70
C5 OLC F . 9.95 12.85 -16.12
C4 OLC F . 10.83 11.62 -15.96
C3 OLC F . 12.27 11.98 -15.64
C2 OLC F . 12.47 12.18 -14.14
C1 OLC F . 13.94 12.37 -13.80
C18 OLC G . 4.12 -17.20 -0.93
C17 OLC G . 5.06 -17.25 -2.10
C16 OLC G . 4.57 -17.68 -3.41
C15 OLC G . 3.76 -18.96 -3.52
C13 OLC G . 1.75 -17.68 -4.26
C14 OLC G . 2.71 -18.80 -4.60
C5 OLC G . 5.69 -13.57 3.24
C4 OLC G . 6.51 -12.42 2.68
C3 OLC G . 7.09 -11.57 3.80
C2 OLC G . 6.95 -10.09 3.48
C1 OLC G . 8.09 -9.32 4.11
O19 OLC G . 9.25 -9.78 4.10
C18 OLC H . 3.07 -1.42 -5.66
C10 OLC H . 8.03 2.16 -9.56
C17 OLC H . 3.09 0.09 -5.83
C11 OLC H . 7.23 2.40 -8.30
C16 OLC H . 4.45 0.57 -6.30
C12 OLC H . 8.15 2.39 -7.09
C15 OLC H . 5.27 1.13 -5.15
C13 OLC H . 7.55 1.91 -5.85
C14 OLC H . 6.11 2.31 -5.60
C10 OLC I . -4.77 -1.23 4.52
C9 OLC I . -5.83 -0.51 3.78
C11 OLC I . -4.74 -2.73 4.53
C8 OLC I . -6.60 -1.20 2.69
C12 OLC I . -4.02 -3.21 5.78
C7 OLC I . -7.08 -0.17 1.67
C15 OLC I . -5.75 -4.80 8.84
C13 OLC I . -4.86 -4.21 6.55
C6 OLC I . -7.89 -0.80 0.53
C14 OLC I . -5.19 -3.69 7.95
C5 OLC I . -7.30 -2.13 0.09
C4 OLC I . -7.29 -2.28 -1.43
C3 OLC I . -5.89 -2.18 -1.99
C2 OLC I . -5.53 -0.75 -2.38
C1 OLC I . -4.16 -0.72 -3.00
C10 OLC J . 11.15 4.74 -5.49
C9 OLC J . 12.28 3.93 -5.06
C11 OLC J . 10.05 4.97 -4.49
C8 OLC J . 13.03 4.30 -3.80
C12 OLC J . 9.00 5.95 -5.01
C7 OLC J . 12.82 3.23 -2.74
C13 OLC J . 7.62 5.55 -4.52
C6 OLC J . 12.29 3.85 -1.46
C14 OLC J . 7.63 5.13 -3.05
C5 OLC J . 11.62 2.80 -0.58
C10 OLC K . -4.97 20.11 -8.71
C9 OLC K . -5.37 21.49 -8.97
C8 OLC K . -4.33 22.51 -9.38
C7 OLC K . -4.46 23.74 -8.48
C6 OLC K . -3.10 24.23 -8.01
C5 OLC K . -3.16 24.64 -6.54
C4 OLC K . -1.78 24.88 -5.95
C3 OLC K . -1.70 26.27 -5.33
C2 OLC K . -0.25 26.73 -5.19
C1 OLC K . -0.06 27.42 -3.87
O19 OLC K . 1.10 27.58 -3.40
C8 OLC L . 17.45 -7.23 -3.48
C7 OLC L . 18.31 -7.44 -2.24
C6 OLC L . 17.48 -7.39 -0.96
C5 OLC L . 18.28 -7.88 0.24
C4 OLC L . 17.84 -7.17 1.52
C3 OLC L . 18.97 -7.16 2.56
C2 OLC L . 18.55 -6.43 3.82
C1 OLC L . 19.05 -7.16 5.05
C9 OLC M . 12.38 -14.74 -2.53
C17 OLC M . 9.48 -12.72 -12.31
C8 OLC M . 12.29 -14.50 -4.04
C16 OLC M . 9.12 -13.00 -10.85
C7 OLC M . 13.38 -15.29 -4.74
C15 OLC M . 9.75 -14.29 -10.36
C6 OLC M . 13.65 -15.10 -6.17
C5 OLC M . 12.54 -15.30 -7.18
C4 OLC M . 12.90 -14.58 -8.48
C3 OLC M . 13.20 -15.57 -9.60
#